data_7CIB
#
_entry.id   7CIB
#
_cell.length_a   35.780
_cell.length_b   75.800
_cell.length_c   95.780
_cell.angle_alpha   90.00
_cell.angle_beta   90.00
_cell.angle_gamma   90.00
#
_symmetry.space_group_name_H-M   'P 21 21 21'
#
loop_
_entity.id
_entity.type
_entity.pdbx_description
1 polymer 'UDP-3-O-acyl-N-acetylglucosamine deacetylase'
2 non-polymer '2-oxidanyl-4-phenyl-benzoic acid'
3 non-polymer 'DIMETHYL SULFOXIDE'
4 non-polymer 'ZINC ION'
5 water water
#
_entity_poly.entity_id   1
_entity_poly.type   'polypeptide(L)'
_entity_poly.pdbx_seq_one_letter_code
;MIKQRTLKNIIRATGVGLHSGEKVYLTLKPAPVDTGIVFSRTDLDPVVEIPARAENVGETTMSTTLVKGDVKVDTVEHLL
SAMAGLGIDNAYVELSASEVPIMDGSAGPFVFLIQSAGLQEQEAAKKFIRIKREVSVEEGDKRAVFVPFDGFKVSFEIDF
DHPVFRGRTQQASVDFSSTSFVKEVSRARTFGFMRDIEYLRSQNLALGGSVENAIVVDENRVLNEDGLRYEDEFVKHKIL
DAIGDLYLLGNSLIGEFRGFKSGHALNNQLLRTLIADKDAWEVVTFEDARTAPISYMRP
;
_entity_poly.pdbx_strand_id   A
#
loop_
_chem_comp.id
_chem_comp.type
_chem_comp.name
_chem_comp.formula
DMS non-polymer 'DIMETHYL SULFOXIDE' 'C2 H6 O S'
FYR non-polymer '2-oxidanyl-4-phenyl-benzoic acid' 'C13 H10 O3'
ZN non-polymer 'ZINC ION' 'Zn 2'
#
# COMPACT_ATOMS: atom_id res chain seq x y z
N MET A 1 19.75 6.77 -16.72
CA MET A 1 19.52 6.24 -15.36
C MET A 1 18.04 5.96 -15.11
N ILE A 2 17.72 5.17 -14.09
CA ILE A 2 16.33 5.13 -13.56
C ILE A 2 16.18 6.42 -12.74
N LYS A 3 15.21 7.23 -13.15
CA LYS A 3 14.99 8.59 -12.60
C LYS A 3 13.91 8.52 -11.52
N GLN A 4 14.00 9.41 -10.55
CA GLN A 4 12.91 9.70 -9.60
C GLN A 4 11.68 10.18 -10.38
N ARG A 5 10.49 9.93 -9.85
CA ARG A 5 9.25 10.36 -10.51
C ARG A 5 8.35 11.11 -9.55
N THR A 6 7.65 12.08 -10.11
CA THR A 6 6.54 12.79 -9.44
C THR A 6 5.37 12.85 -10.41
N LEU A 7 4.33 13.57 -10.02
CA LEU A 7 3.16 13.81 -10.88
C LEU A 7 3.47 14.90 -11.91
N LYS A 8 2.93 14.76 -13.11
CA LYS A 8 3.01 15.78 -14.18
C LYS A 8 2.02 16.92 -13.90
N ASN A 9 0.88 16.60 -13.28
CA ASN A 9 -0.25 17.53 -13.04
C ASN A 9 -0.80 17.27 -11.63
N ILE A 10 -1.45 18.28 -11.03
CA ILE A 10 -2.33 18.14 -9.83
C ILE A 10 -3.55 17.28 -10.18
N ILE A 11 -3.82 16.27 -9.32
CA ILE A 11 -4.95 15.30 -9.38
C ILE A 11 -5.88 15.55 -8.20
N ARG A 12 -7.19 15.57 -8.40
CA ARG A 12 -8.14 15.69 -7.28
C ARG A 12 -9.12 14.52 -7.32
N ALA A 13 -9.53 14.07 -6.14
CA ALA A 13 -10.61 13.06 -5.98
C ALA A 13 -11.34 13.32 -4.66
N THR A 14 -12.58 12.81 -4.60
CA THR A 14 -13.47 12.90 -3.43
C THR A 14 -13.85 11.47 -3.03
N GLY A 15 -13.97 11.23 -1.73
CA GLY A 15 -14.52 9.96 -1.26
C GLY A 15 -14.79 9.99 0.21
N VAL A 16 -14.76 8.81 0.83
CA VAL A 16 -15.02 8.71 2.29
CA VAL A 16 -15.11 8.59 2.26
C VAL A 16 -14.00 7.74 2.89
N GLY A 17 -13.65 8.00 4.14
CA GLY A 17 -12.77 7.07 4.89
C GLY A 17 -13.45 5.72 5.10
N LEU A 18 -12.78 4.61 4.78
CA LEU A 18 -13.27 3.25 5.13
C LEU A 18 -13.60 3.19 6.63
N HIS A 19 -12.67 3.61 7.49
CA HIS A 19 -12.81 3.41 8.96
C HIS A 19 -13.62 4.55 9.58
N SER A 20 -13.40 5.80 9.18
CA SER A 20 -14.07 6.98 9.80
C SER A 20 -15.46 7.23 9.20
N GLY A 21 -15.69 6.85 7.93
CA GLY A 21 -16.89 7.19 7.15
C GLY A 21 -16.92 8.68 6.79
N GLU A 22 -15.87 9.45 7.08
CA GLU A 22 -15.87 10.93 6.87
C GLU A 22 -15.63 11.23 5.40
N LYS A 23 -16.42 12.12 4.81
CA LYS A 23 -16.14 12.62 3.44
C LYS A 23 -14.79 13.34 3.48
N VAL A 24 -14.00 13.19 2.42
CA VAL A 24 -12.63 13.75 2.36
C VAL A 24 -12.35 14.15 0.92
N TYR A 25 -11.68 15.29 0.72
CA TYR A 25 -11.10 15.72 -0.57
C TYR A 25 -9.61 15.35 -0.58
N LEU A 26 -9.21 14.67 -1.63
CA LEU A 26 -7.82 14.23 -1.84
C LEU A 26 -7.22 15.07 -2.97
N THR A 27 -6.02 15.58 -2.77
CA THR A 27 -5.27 16.28 -3.83
C THR A 27 -3.85 15.72 -3.92
N LEU A 28 -3.47 15.24 -5.09
CA LEU A 28 -2.06 14.80 -5.33
C LEU A 28 -1.35 15.91 -6.08
N LYS A 29 -0.19 16.34 -5.57
CA LYS A 29 0.60 17.44 -6.18
C LYS A 29 2.03 16.95 -6.43
N PRO A 30 2.68 17.48 -7.47
CA PRO A 30 4.10 17.26 -7.67
C PRO A 30 4.91 17.71 -6.45
N ALA A 31 6.02 17.05 -6.19
CA ALA A 31 7.01 17.51 -5.18
C ALA A 31 8.41 17.36 -5.76
N PRO A 32 9.37 18.15 -5.22
CA PRO A 32 10.74 18.09 -5.73
C PRO A 32 11.46 16.76 -5.37
N VAL A 33 12.58 16.51 -6.04
CA VAL A 33 13.50 15.36 -5.78
C VAL A 33 13.76 15.23 -4.28
N ASP A 34 13.81 13.98 -3.82
CA ASP A 34 14.15 13.56 -2.43
C ASP A 34 13.14 14.13 -1.42
N THR A 35 11.93 14.48 -1.85
CA THR A 35 10.86 14.81 -0.88
C THR A 35 10.32 13.54 -0.23
N GLY A 36 10.13 12.48 -1.03
CA GLY A 36 9.35 11.32 -0.61
C GLY A 36 7.87 11.62 -0.74
N ILE A 37 6.99 10.81 -0.14
CA ILE A 37 5.53 11.04 -0.15
C ILE A 37 5.16 11.70 1.18
N VAL A 38 4.66 12.91 1.13
CA VAL A 38 4.35 13.68 2.36
C VAL A 38 2.85 13.98 2.36
N PHE A 39 2.18 13.54 3.41
CA PHE A 39 0.73 13.76 3.55
C PHE A 39 0.57 15.10 4.27
N SER A 40 -0.51 15.81 3.97
CA SER A 40 -0.78 17.16 4.51
C SER A 40 -2.27 17.26 4.85
N ARG A 41 -2.58 17.59 6.09
CA ARG A 41 -3.94 17.80 6.61
C ARG A 41 -4.30 19.27 6.39
N THR A 42 -4.95 19.57 5.26
CA THR A 42 -5.25 20.97 4.86
C THR A 42 -6.49 21.49 5.58
N ASP A 43 -7.25 20.67 6.28
CA ASP A 43 -8.42 21.08 7.11
C ASP A 43 -7.94 21.70 8.43
N LEU A 44 -6.69 21.45 8.83
CA LEU A 44 -6.14 22.00 10.09
C LEU A 44 -5.48 23.35 9.83
N ASP A 45 -5.49 24.22 10.85
CA ASP A 45 -4.81 25.54 10.75
C ASP A 45 -3.94 25.69 11.98
N PRO A 46 -2.60 25.73 11.86
CA PRO A 46 -1.91 25.63 10.58
C PRO A 46 -2.06 24.22 10.01
N VAL A 47 -1.76 24.12 8.72
CA VAL A 47 -1.66 22.81 8.00
C VAL A 47 -0.58 21.98 8.70
N VAL A 48 -0.79 20.66 8.81
CA VAL A 48 0.19 19.71 9.38
C VAL A 48 0.64 18.76 8.28
N GLU A 49 1.94 18.66 8.04
CA GLU A 49 2.54 17.65 7.12
C GLU A 49 2.97 16.44 7.96
N ILE A 50 2.83 15.25 7.41
CA ILE A 50 3.42 13.99 7.96
C ILE A 50 4.02 13.21 6.81
N PRO A 51 5.36 13.13 6.76
CA PRO A 51 6.02 12.28 5.79
C PRO A 51 5.62 10.80 5.94
N ALA A 52 5.47 10.13 4.81
CA ALA A 52 5.11 8.69 4.72
C ALA A 52 6.39 7.88 4.95
N ARG A 53 6.86 7.87 6.18
CA ARG A 53 8.07 7.10 6.60
C ARG A 53 7.69 6.20 7.77
N ALA A 54 8.39 5.07 7.89
CA ALA A 54 8.12 4.01 8.88
C ALA A 54 8.07 4.59 10.29
N GLU A 55 8.94 5.55 10.61
CA GLU A 55 9.03 6.17 11.95
C GLU A 55 7.73 6.93 12.30
N ASN A 56 6.89 7.31 11.31
CA ASN A 56 5.67 8.10 11.58
C ASN A 56 4.42 7.23 11.61
N VAL A 57 4.58 5.90 11.54
CA VAL A 57 3.43 4.98 11.74
C VAL A 57 3.14 4.89 13.24
N GLY A 58 1.94 5.27 13.65
CA GLY A 58 1.54 5.36 15.07
C GLY A 58 0.51 4.32 15.47
N GLU A 59 -0.31 3.81 14.55
CA GLU A 59 -1.34 2.79 14.83
C GLU A 59 -1.37 1.86 13.62
N THR A 60 -1.56 0.56 13.85
CA THR A 60 -1.59 -0.48 12.80
C THR A 60 -2.73 -1.47 13.03
N THR A 61 -3.87 -1.01 13.53
CA THR A 61 -4.99 -1.90 13.96
C THR A 61 -5.56 -2.61 12.74
N MET A 62 -6.18 -1.87 11.83
CA MET A 62 -6.85 -2.44 10.64
C MET A 62 -6.52 -1.54 9.43
N SER A 63 -5.34 -0.93 9.49
CA SER A 63 -4.80 -0.03 8.46
C SER A 63 -3.47 0.47 8.97
N THR A 64 -2.73 1.17 8.11
CA THR A 64 -1.51 1.87 8.51
C THR A 64 -1.88 3.33 8.74
N THR A 65 -1.69 3.82 9.96
CA THR A 65 -2.00 5.21 10.37
C THR A 65 -0.71 5.98 10.62
N LEU A 66 -0.52 7.08 9.88
CA LEU A 66 0.56 8.06 10.16
C LEU A 66 0.06 8.94 11.31
N VAL A 67 0.94 9.23 12.26
CA VAL A 67 0.59 10.05 13.45
C VAL A 67 1.72 11.06 13.67
N LYS A 68 1.34 12.33 13.88
CA LYS A 68 2.26 13.33 14.49
C LYS A 68 1.51 13.96 15.65
N GLY A 69 1.87 13.60 16.89
CA GLY A 69 1.11 14.02 18.08
C GLY A 69 -0.31 13.51 18.01
N ASP A 70 -1.29 14.41 18.03
CA ASP A 70 -2.74 14.07 17.99
C ASP A 70 -3.24 14.09 16.54
N VAL A 71 -2.39 14.45 15.57
CA VAL A 71 -2.81 14.50 14.15
C VAL A 71 -2.62 13.13 13.52
N LYS A 72 -3.67 12.60 12.87
CA LYS A 72 -3.63 11.25 12.23
C LYS A 72 -3.91 11.38 10.73
N VAL A 73 -3.25 10.55 9.92
CA VAL A 73 -3.66 10.26 8.51
C VAL A 73 -3.82 8.74 8.40
N ASP A 74 -5.06 8.29 8.36
CA ASP A 74 -5.38 6.85 8.44
C ASP A 74 -5.45 6.23 7.05
N THR A 75 -5.14 4.94 6.98
CA THR A 75 -5.35 4.07 5.81
C THR A 75 -4.58 4.63 4.61
N VAL A 76 -3.26 4.71 4.73
CA VAL A 76 -2.40 5.28 3.66
C VAL A 76 -2.03 4.18 2.65
N GLU A 77 -2.19 2.92 3.00
CA GLU A 77 -1.51 1.80 2.33
C GLU A 77 -2.04 1.57 0.91
N HIS A 78 -3.32 1.79 0.61
CA HIS A 78 -3.78 1.53 -0.78
C HIS A 78 -3.20 2.60 -1.72
N LEU A 79 -3.21 3.88 -1.30
CA LEU A 79 -2.62 4.95 -2.12
C LEU A 79 -1.11 4.71 -2.26
N LEU A 80 -0.40 4.35 -1.19
CA LEU A 80 1.07 4.15 -1.29
C LEU A 80 1.34 2.93 -2.16
N SER A 81 0.46 1.94 -2.17
CA SER A 81 0.63 0.73 -3.02
C SER A 81 0.62 1.17 -4.50
N ALA A 82 -0.36 1.98 -4.90
CA ALA A 82 -0.45 2.58 -6.25
C ALA A 82 0.83 3.37 -6.59
N MET A 83 1.33 4.18 -5.67
CA MET A 83 2.54 4.98 -5.95
C MET A 83 3.77 4.10 -6.09
N ALA A 84 3.88 3.05 -5.26
CA ALA A 84 4.99 2.08 -5.39
C ALA A 84 4.87 1.39 -6.74
N GLY A 85 3.66 1.00 -7.09
CA GLY A 85 3.38 0.29 -8.34
C GLY A 85 3.75 1.14 -9.54
N LEU A 86 3.57 2.46 -9.48
CA LEU A 86 3.84 3.37 -10.63
C LEU A 86 5.24 3.99 -10.57
N GLY A 87 5.97 3.81 -9.46
CA GLY A 87 7.33 4.33 -9.25
C GLY A 87 7.32 5.79 -8.84
N ILE A 88 6.26 6.26 -8.20
CA ILE A 88 6.20 7.68 -7.72
C ILE A 88 7.03 7.80 -6.43
N ASP A 89 8.11 8.58 -6.48
CA ASP A 89 9.04 8.83 -5.35
C ASP A 89 8.56 10.04 -4.53
N ASN A 90 8.11 11.11 -5.20
CA ASN A 90 7.92 12.47 -4.65
C ASN A 90 6.50 12.93 -4.92
N ALA A 91 5.74 13.25 -3.87
CA ALA A 91 4.38 13.77 -4.01
C ALA A 91 3.93 14.38 -2.68
N TYR A 92 3.15 15.45 -2.77
CA TYR A 92 2.35 15.96 -1.63
C TYR A 92 0.96 15.38 -1.81
N VAL A 93 0.45 14.80 -0.75
CA VAL A 93 -0.93 14.26 -0.70
C VAL A 93 -1.74 15.08 0.31
N GLU A 94 -2.58 15.99 -0.19
CA GLU A 94 -3.39 16.86 0.70
C GLU A 94 -4.70 16.13 0.96
N LEU A 95 -5.15 16.15 2.21
CA LEU A 95 -6.44 15.58 2.65
C LEU A 95 -7.16 16.62 3.52
N SER A 96 -8.46 16.73 3.32
CA SER A 96 -9.34 17.61 4.13
C SER A 96 -9.84 16.89 5.39
N ALA A 97 -9.39 15.65 5.65
CA ALA A 97 -9.82 14.83 6.80
C ALA A 97 -8.75 13.76 7.11
N SER A 98 -8.96 13.06 8.22
CA SER A 98 -7.94 12.20 8.89
C SER A 98 -7.78 10.86 8.19
N GLU A 99 -8.41 10.64 7.06
CA GLU A 99 -8.34 9.31 6.40
C GLU A 99 -8.39 9.45 4.88
N VAL A 100 -7.50 8.73 4.19
CA VAL A 100 -7.47 8.61 2.71
C VAL A 100 -8.81 8.03 2.27
N PRO A 101 -9.41 8.51 1.18
CA PRO A 101 -10.68 7.93 0.74
C PRO A 101 -10.44 6.49 0.29
N ILE A 102 -11.41 5.63 0.56
CA ILE A 102 -11.32 4.18 0.23
C ILE A 102 -11.58 3.94 -1.27
N MET A 103 -12.31 4.83 -1.95
CA MET A 103 -12.67 4.65 -3.38
C MET A 103 -13.43 3.33 -3.55
N ASP A 104 -12.98 2.40 -4.41
CA ASP A 104 -13.69 1.11 -4.63
C ASP A 104 -13.12 -0.01 -3.73
N GLY A 105 -12.27 0.34 -2.76
CA GLY A 105 -11.60 -0.59 -1.85
C GLY A 105 -10.28 -1.12 -2.39
N SER A 106 -9.89 -0.73 -3.60
CA SER A 106 -8.63 -1.19 -4.21
C SER A 106 -7.69 -0.02 -4.53
N ALA A 107 -6.61 -0.30 -5.26
CA ALA A 107 -5.66 0.71 -5.78
C ALA A 107 -6.03 1.10 -7.21
N GLY A 108 -7.05 0.49 -7.78
CA GLY A 108 -7.44 0.71 -9.19
C GLY A 108 -7.70 2.18 -9.45
N PRO A 109 -8.63 2.82 -8.69
CA PRO A 109 -8.92 4.24 -8.92
C PRO A 109 -7.71 5.17 -8.79
N PHE A 110 -6.81 4.86 -7.84
CA PHE A 110 -5.55 5.62 -7.65
C PHE A 110 -4.61 5.45 -8.83
N VAL A 111 -4.34 4.24 -9.31
CA VAL A 111 -3.46 4.04 -10.50
CA VAL A 111 -3.50 3.98 -10.51
C VAL A 111 -4.08 4.73 -11.73
N PHE A 112 -5.42 4.72 -11.84
CA PHE A 112 -6.12 5.38 -12.96
C PHE A 112 -5.95 6.91 -12.87
N LEU A 113 -6.23 7.48 -11.72
CA LEU A 113 -6.08 8.96 -11.49
C LEU A 113 -4.62 9.38 -11.72
N ILE A 114 -3.64 8.62 -11.24
CA ILE A 114 -2.22 9.02 -11.40
C ILE A 114 -1.84 8.92 -12.89
N GLN A 115 -2.21 7.85 -13.59
CA GLN A 115 -1.79 7.63 -15.00
C GLN A 115 -2.56 8.58 -15.93
N SER A 116 -3.71 9.06 -15.47
CA SER A 116 -4.49 10.10 -16.17
C SER A 116 -3.77 11.45 -16.11
N ALA A 117 -3.33 11.84 -14.92
CA ALA A 117 -2.58 13.10 -14.69
C ALA A 117 -1.17 13.00 -15.27
N GLY A 118 -0.66 11.77 -15.44
CA GLY A 118 0.67 11.49 -15.98
C GLY A 118 1.79 11.65 -14.96
N LEU A 119 2.87 10.92 -15.21
CA LEU A 119 4.10 10.93 -14.38
C LEU A 119 5.13 11.85 -15.02
N GLN A 120 5.97 12.43 -14.16
CA GLN A 120 7.07 13.35 -14.49
C GLN A 120 8.37 12.71 -14.01
N GLU A 121 9.25 12.34 -14.93
CA GLU A 121 10.62 11.91 -14.58
C GLU A 121 11.43 13.15 -14.16
N GLN A 122 12.21 13.02 -13.09
CA GLN A 122 12.93 14.14 -12.46
C GLN A 122 14.43 13.89 -12.62
N GLU A 123 15.24 14.93 -12.62
CA GLU A 123 16.69 14.81 -12.99
C GLU A 123 17.49 14.44 -11.74
N ALA A 124 17.17 13.29 -11.16
CA ALA A 124 17.87 12.69 -10.00
C ALA A 124 17.67 11.18 -10.06
N ALA A 125 18.72 10.42 -9.79
CA ALA A 125 18.68 8.94 -9.79
C ALA A 125 17.65 8.49 -8.78
N LYS A 126 16.78 7.57 -9.16
CA LYS A 126 15.91 6.86 -8.18
C LYS A 126 16.80 5.97 -7.30
N LYS A 127 16.64 6.06 -5.98
CA LYS A 127 17.40 5.26 -4.99
C LYS A 127 16.57 4.03 -4.62
N PHE A 128 17.20 2.86 -4.64
CA PHE A 128 16.56 1.62 -4.14
C PHE A 128 17.27 1.16 -2.88
N ILE A 129 16.51 0.46 -2.03
CA ILE A 129 17.12 -0.34 -0.93
C ILE A 129 17.26 -1.78 -1.43
N ARG A 130 18.50 -2.25 -1.60
CA ARG A 130 18.81 -3.64 -1.99
C ARG A 130 19.04 -4.46 -0.73
N ILE A 131 18.31 -5.57 -0.62
CA ILE A 131 18.41 -6.54 0.52
C ILE A 131 19.66 -7.38 0.27
N LYS A 132 20.61 -7.33 1.20
CA LYS A 132 21.89 -8.07 1.12
C LYS A 132 21.82 -9.36 1.96
N ARG A 133 20.96 -9.39 2.97
CA ARG A 133 20.88 -10.54 3.89
C ARG A 133 19.44 -10.69 4.32
N GLU A 134 19.06 -11.90 4.72
CA GLU A 134 17.70 -12.15 5.24
C GLU A 134 17.45 -11.26 6.46
N VAL A 135 16.24 -10.74 6.57
CA VAL A 135 15.73 -10.00 7.74
C VAL A 135 14.31 -10.49 7.95
N SER A 136 14.05 -11.10 9.09
CA SER A 136 12.70 -11.65 9.37
C SER A 136 12.22 -11.21 10.75
N VAL A 137 10.91 -11.02 10.86
CA VAL A 137 10.24 -10.75 12.15
C VAL A 137 9.10 -11.76 12.24
N GLU A 138 8.90 -12.27 13.45
CA GLU A 138 7.81 -13.21 13.72
C GLU A 138 7.09 -12.76 14.99
N GLU A 139 5.84 -13.14 15.11
CA GLU A 139 5.09 -12.95 16.38
C GLU A 139 3.93 -13.92 16.34
N GLY A 140 3.94 -14.91 17.24
CA GLY A 140 3.02 -16.05 17.18
C GLY A 140 3.15 -16.78 15.85
N ASP A 141 2.05 -16.95 15.12
CA ASP A 141 2.03 -17.75 13.88
C ASP A 141 2.16 -16.83 12.67
N LYS A 142 2.47 -15.54 12.87
CA LYS A 142 2.67 -14.57 11.77
C LYS A 142 4.17 -14.38 11.50
N ARG A 143 4.54 -14.20 10.23
CA ARG A 143 5.93 -13.92 9.84
CA ARG A 143 5.93 -13.97 9.81
C ARG A 143 5.96 -12.96 8.66
N ALA A 144 6.94 -12.08 8.65
CA ALA A 144 7.25 -11.22 7.50
C ALA A 144 8.76 -11.25 7.29
N VAL A 145 9.22 -11.45 6.07
CA VAL A 145 10.68 -11.59 5.81
C VAL A 145 11.06 -10.91 4.51
N PHE A 146 12.25 -10.33 4.51
CA PHE A 146 12.97 -9.91 3.30
C PHE A 146 14.10 -10.91 3.05
N VAL A 147 14.31 -11.28 1.81
CA VAL A 147 15.48 -12.07 1.37
C VAL A 147 16.05 -11.45 0.12
N PRO A 148 17.37 -11.61 -0.09
CA PRO A 148 18.03 -11.11 -1.29
C PRO A 148 17.38 -11.68 -2.54
N PHE A 149 17.17 -10.81 -3.52
CA PHE A 149 16.59 -11.19 -4.83
C PHE A 149 16.88 -10.11 -5.85
N ASP A 150 17.36 -10.50 -7.03
CA ASP A 150 17.81 -9.51 -8.05
C ASP A 150 16.58 -9.08 -8.85
N GLY A 151 15.74 -8.22 -8.24
CA GLY A 151 14.41 -7.86 -8.78
C GLY A 151 13.50 -7.40 -7.66
N PHE A 152 12.18 -7.54 -7.85
CA PHE A 152 11.20 -7.30 -6.77
C PHE A 152 10.07 -8.31 -6.94
N LYS A 153 9.92 -9.11 -5.88
CA LYS A 153 8.91 -10.19 -5.84
C LYS A 153 8.21 -10.15 -4.49
N VAL A 154 6.91 -10.44 -4.48
CA VAL A 154 6.13 -10.59 -3.23
C VAL A 154 5.47 -11.96 -3.23
N SER A 155 5.63 -12.71 -2.14
CA SER A 155 4.89 -13.96 -1.86
C SER A 155 4.04 -13.73 -0.63
N PHE A 156 2.82 -14.27 -0.64
CA PHE A 156 1.94 -14.05 0.53
C PHE A 156 1.07 -15.29 0.74
N GLU A 157 0.85 -15.64 1.99
CA GLU A 157 -0.13 -16.68 2.39
C GLU A 157 -1.05 -16.13 3.48
N ILE A 158 -2.35 -16.33 3.30
CA ILE A 158 -3.39 -16.12 4.35
C ILE A 158 -3.91 -17.48 4.75
N ASP A 159 -4.66 -17.53 5.85
CA ASP A 159 -5.31 -18.81 6.21
C ASP A 159 -6.54 -18.50 7.06
N PHE A 160 -7.67 -18.36 6.39
CA PHE A 160 -8.99 -18.15 7.02
C PHE A 160 -9.70 -19.50 7.00
N ASP A 161 -10.27 -19.90 8.13
CA ASP A 161 -11.15 -21.10 8.24
C ASP A 161 -12.61 -20.61 8.13
N HIS A 162 -12.96 -20.09 6.97
CA HIS A 162 -14.32 -19.60 6.63
C HIS A 162 -14.73 -20.32 5.35
N PRO A 163 -15.99 -20.79 5.23
CA PRO A 163 -16.42 -21.50 4.03
C PRO A 163 -16.14 -20.80 2.69
N VAL A 164 -16.23 -19.48 2.68
CA VAL A 164 -15.93 -18.69 1.46
C VAL A 164 -14.44 -18.88 1.11
N PHE A 165 -13.55 -19.21 2.05
CA PHE A 165 -12.09 -19.32 1.76
C PHE A 165 -11.70 -20.78 1.45
N ARG A 166 -12.60 -21.70 1.76
CA ARG A 166 -12.37 -23.17 1.58
C ARG A 166 -12.18 -23.50 0.11
N GLY A 167 -11.08 -24.17 -0.24
CA GLY A 167 -10.72 -24.55 -1.62
C GLY A 167 -10.24 -23.38 -2.47
N ARG A 168 -10.28 -22.17 -1.91
CA ARG A 168 -9.93 -20.94 -2.66
C ARG A 168 -8.44 -20.67 -2.44
N THR A 169 -7.83 -20.05 -3.44
CA THR A 169 -6.38 -19.76 -3.46
C THR A 169 -6.10 -18.90 -2.24
N GLN A 170 -5.16 -19.29 -1.37
CA GLN A 170 -4.81 -18.48 -0.18
C GLN A 170 -3.31 -18.18 -0.19
N GLN A 171 -2.63 -18.50 -1.28
CA GLN A 171 -1.20 -18.21 -1.44
C GLN A 171 -0.97 -17.73 -2.87
N ALA A 172 -0.07 -16.77 -3.03
CA ALA A 172 0.27 -16.20 -4.35
C ALA A 172 1.68 -15.61 -4.30
N SER A 173 2.37 -15.68 -5.43
CA SER A 173 3.71 -15.10 -5.67
C SER A 173 3.54 -14.20 -6.88
N VAL A 174 4.05 -12.97 -6.83
CA VAL A 174 4.04 -12.03 -7.97
C VAL A 174 5.46 -11.51 -8.13
N ASP A 175 6.05 -11.80 -9.29
CA ASP A 175 7.40 -11.35 -9.70
C ASP A 175 7.16 -10.18 -10.63
N PHE A 176 7.56 -8.97 -10.25
CA PHE A 176 7.16 -7.76 -11.01
C PHE A 176 8.00 -7.62 -12.29
N SER A 177 8.96 -8.50 -12.54
CA SER A 177 9.66 -8.58 -13.86
C SER A 177 8.69 -9.19 -14.90
N SER A 178 7.84 -10.11 -14.47
CA SER A 178 7.01 -10.95 -15.38
C SER A 178 5.51 -10.60 -15.27
N THR A 179 5.08 -9.85 -14.24
CA THR A 179 3.65 -9.55 -14.00
C THR A 179 3.43 -8.04 -13.81
N SER A 180 2.28 -7.56 -14.30
CA SER A 180 1.80 -6.16 -14.15
C SER A 180 1.21 -5.99 -12.73
N PHE A 181 1.83 -5.13 -11.92
CA PHE A 181 1.15 -4.58 -10.72
C PHE A 181 -0.26 -4.10 -11.07
N VAL A 182 -0.40 -3.30 -12.14
CA VAL A 182 -1.74 -2.76 -12.49
C VAL A 182 -2.70 -3.90 -12.82
N LYS A 183 -2.33 -4.85 -13.66
CA LYS A 183 -3.36 -5.79 -14.18
C LYS A 183 -3.67 -6.88 -13.13
N GLU A 184 -2.69 -7.27 -12.31
CA GLU A 184 -2.81 -8.47 -11.43
C GLU A 184 -2.93 -8.10 -9.95
N VAL A 185 -2.56 -6.89 -9.50
CA VAL A 185 -2.69 -6.54 -8.07
C VAL A 185 -3.63 -5.35 -7.86
N SER A 186 -3.58 -4.27 -8.69
CA SER A 186 -4.14 -2.96 -8.29
C SER A 186 -5.64 -3.08 -8.02
N ARG A 187 -6.33 -3.95 -8.73
CA ARG A 187 -7.82 -3.97 -8.68
CA ARG A 187 -7.82 -4.06 -8.74
C ARG A 187 -8.33 -4.89 -7.57
N ALA A 188 -7.45 -5.56 -6.82
CA ALA A 188 -7.90 -6.45 -5.72
C ALA A 188 -8.46 -5.59 -4.58
N ARG A 189 -9.67 -5.88 -4.11
CA ARG A 189 -10.38 -5.01 -3.13
C ARG A 189 -10.23 -5.49 -1.68
N THR A 190 -10.31 -4.51 -0.77
CA THR A 190 -10.52 -4.74 0.67
CA THR A 190 -10.50 -4.79 0.66
C THR A 190 -11.70 -5.70 0.86
N PHE A 191 -11.62 -6.58 1.85
CA PHE A 191 -12.70 -7.53 2.18
C PHE A 191 -12.96 -7.50 3.67
N GLY A 192 -14.24 -7.67 4.01
CA GLY A 192 -14.69 -7.72 5.40
C GLY A 192 -15.78 -8.76 5.59
N PHE A 193 -16.04 -9.09 6.85
CA PHE A 193 -16.98 -10.16 7.25
C PHE A 193 -18.16 -9.54 8.00
N MET A 194 -19.37 -9.95 7.65
CA MET A 194 -20.61 -9.60 8.37
C MET A 194 -20.46 -9.92 9.86
N ARG A 195 -19.83 -11.04 10.17
CA ARG A 195 -19.71 -11.52 11.58
C ARG A 195 -18.87 -10.56 12.42
N ASP A 196 -18.10 -9.67 11.80
CA ASP A 196 -17.21 -8.68 12.49
C ASP A 196 -17.83 -7.29 12.64
N ILE A 197 -18.79 -6.91 11.79
CA ILE A 197 -19.07 -5.44 11.61
C ILE A 197 -19.60 -4.83 12.92
N GLU A 198 -20.34 -5.56 13.75
CA GLU A 198 -20.88 -4.95 15.00
C GLU A 198 -19.70 -4.60 15.91
N TYR A 199 -18.76 -5.51 16.12
CA TYR A 199 -17.55 -5.21 16.93
C TYR A 199 -16.74 -4.09 16.25
N LEU A 200 -16.50 -4.18 14.94
CA LEU A 200 -15.58 -3.22 14.28
C LEU A 200 -16.14 -1.81 14.42
N ARG A 201 -17.45 -1.63 14.25
CA ARG A 201 -18.05 -0.28 14.36
C ARG A 201 -17.95 0.24 15.80
N SER A 202 -18.02 -0.64 16.81
CA SER A 202 -17.82 -0.25 18.23
C SER A 202 -16.39 0.31 18.41
N GLN A 203 -15.47 -0.04 17.50
CA GLN A 203 -14.06 0.40 17.57
C GLN A 203 -13.77 1.54 16.59
N ASN A 204 -14.80 2.21 16.03
CA ASN A 204 -14.64 3.23 14.96
C ASN A 204 -13.80 2.65 13.81
N LEU A 205 -14.07 1.38 13.46
CA LEU A 205 -13.53 0.74 12.24
C LEU A 205 -14.68 0.41 11.29
N ALA A 206 -14.40 0.47 9.98
CA ALA A 206 -15.31 0.18 8.87
C ALA A 206 -16.63 0.98 8.96
N LEU A 207 -16.63 2.19 9.53
CA LEU A 207 -17.85 3.02 9.59
C LEU A 207 -18.26 3.43 8.16
N GLY A 208 -17.33 3.54 7.21
CA GLY A 208 -17.64 3.91 5.81
C GLY A 208 -17.76 2.70 4.90
N GLY A 209 -17.59 1.50 5.44
CA GLY A 209 -17.55 0.29 4.62
C GLY A 209 -18.94 -0.13 4.16
N SER A 210 -19.04 -0.64 2.94
CA SER A 210 -20.27 -1.20 2.33
C SER A 210 -19.85 -2.07 1.14
N VAL A 211 -20.81 -2.73 0.49
CA VAL A 211 -20.52 -3.45 -0.78
C VAL A 211 -20.02 -2.51 -1.90
N GLU A 212 -20.20 -1.19 -1.79
CA GLU A 212 -19.69 -0.21 -2.80
C GLU A 212 -18.17 -0.09 -2.72
N ASN A 213 -17.53 -0.39 -1.59
CA ASN A 213 -16.06 -0.18 -1.45
C ASN A 213 -15.36 -1.38 -0.81
N ALA A 214 -16.03 -2.52 -0.69
CA ALA A 214 -15.46 -3.68 0.01
C ALA A 214 -16.18 -4.94 -0.47
N ILE A 215 -15.45 -6.05 -0.49
CA ILE A 215 -16.07 -7.40 -0.60
C ILE A 215 -16.65 -7.74 0.78
N VAL A 216 -17.95 -7.98 0.89
CA VAL A 216 -18.57 -8.31 2.19
C VAL A 216 -18.94 -9.79 2.14
N VAL A 217 -18.43 -10.52 3.11
CA VAL A 217 -18.56 -12.00 3.20
C VAL A 217 -19.51 -12.31 4.35
N ASP A 218 -20.49 -13.17 4.07
CA ASP A 218 -21.48 -13.66 5.05
C ASP A 218 -21.10 -15.09 5.50
N GLU A 219 -22.02 -15.85 6.09
CA GLU A 219 -21.78 -17.25 6.53
C GLU A 219 -21.24 -18.12 5.39
N ASN A 220 -21.77 -18.00 4.17
CA ASN A 220 -21.45 -18.97 3.08
C ASN A 220 -21.34 -18.31 1.71
N ARG A 221 -21.30 -16.98 1.61
CA ARG A 221 -21.18 -16.34 0.28
C ARG A 221 -20.68 -14.91 0.41
N VAL A 222 -20.07 -14.44 -0.67
CA VAL A 222 -19.84 -13.00 -1.00
C VAL A 222 -21.21 -12.33 -1.25
N LEU A 223 -21.54 -11.24 -0.55
CA LEU A 223 -22.82 -10.51 -0.72
C LEU A 223 -22.82 -9.61 -1.95
N ASN A 224 -21.66 -9.20 -2.44
CA ASN A 224 -21.58 -8.27 -3.60
C ASN A 224 -22.27 -8.94 -4.78
N GLU A 225 -23.23 -8.25 -5.39
CA GLU A 225 -24.10 -8.89 -6.41
C GLU A 225 -23.22 -9.32 -7.61
N ASP A 226 -22.11 -8.63 -7.89
CA ASP A 226 -21.24 -8.92 -9.06
C ASP A 226 -20.04 -9.82 -8.65
N GLY A 227 -19.92 -10.25 -7.39
CA GLY A 227 -18.92 -11.26 -7.04
C GLY A 227 -17.48 -10.73 -7.11
N LEU A 228 -16.53 -11.61 -7.42
CA LEU A 228 -15.08 -11.30 -7.28
C LEU A 228 -14.51 -10.88 -8.63
N ARG A 229 -13.47 -10.09 -8.59
CA ARG A 229 -12.68 -9.63 -9.75
C ARG A 229 -11.63 -10.70 -10.08
N TYR A 230 -11.22 -11.45 -9.07
CA TYR A 230 -10.20 -12.53 -9.19
C TYR A 230 -10.61 -13.66 -8.25
N GLU A 231 -10.39 -14.91 -8.65
CA GLU A 231 -10.67 -16.06 -7.77
C GLU A 231 -9.82 -15.88 -6.50
N ASP A 232 -8.60 -15.34 -6.66
CA ASP A 232 -7.62 -15.15 -5.58
C ASP A 232 -7.64 -13.68 -5.13
N GLU A 233 -8.79 -13.02 -5.15
CA GLU A 233 -8.82 -11.57 -4.84
C GLU A 233 -8.33 -11.30 -3.41
N PHE A 234 -8.68 -12.16 -2.43
CA PHE A 234 -8.38 -11.88 -1.02
C PHE A 234 -6.86 -11.82 -0.83
N VAL A 235 -6.14 -12.83 -1.30
CA VAL A 235 -4.66 -12.89 -1.12
C VAL A 235 -4.04 -11.77 -1.99
N LYS A 236 -4.61 -11.44 -3.15
CA LYS A 236 -4.04 -10.37 -4.01
C LYS A 236 -4.20 -9.03 -3.28
N HIS A 237 -5.27 -8.83 -2.52
CA HIS A 237 -5.42 -7.60 -1.70
C HIS A 237 -4.37 -7.57 -0.59
N LYS A 238 -4.05 -8.71 0.04
CA LYS A 238 -3.00 -8.69 1.10
C LYS A 238 -1.63 -8.38 0.49
N ILE A 239 -1.41 -8.74 -0.77
CA ILE A 239 -0.17 -8.36 -1.50
C ILE A 239 -0.21 -6.84 -1.75
N LEU A 240 -1.33 -6.32 -2.21
CA LEU A 240 -1.52 -4.86 -2.38
C LEU A 240 -1.19 -4.14 -1.05
N ASP A 241 -1.80 -4.59 0.03
CA ASP A 241 -1.58 -3.99 1.37
C ASP A 241 -0.08 -4.04 1.70
N ALA A 242 0.58 -5.19 1.47
CA ALA A 242 2.01 -5.34 1.83
C ALA A 242 2.86 -4.35 1.03
N ILE A 243 2.55 -4.18 -0.24
CA ILE A 243 3.37 -3.28 -1.10
C ILE A 243 3.22 -1.83 -0.57
N GLY A 244 2.03 -1.47 -0.12
CA GLY A 244 1.78 -0.13 0.43
C GLY A 244 2.44 0.04 1.77
N ASP A 245 2.25 -0.92 2.68
CA ASP A 245 2.88 -0.85 4.02
C ASP A 245 4.39 -0.74 3.83
N LEU A 246 4.97 -1.51 2.91
CA LEU A 246 6.46 -1.58 2.80
C LEU A 246 7.02 -0.34 2.11
N TYR A 247 6.20 0.40 1.37
CA TYR A 247 6.62 1.67 0.74
C TYR A 247 6.88 2.79 1.76
N LEU A 248 6.48 2.59 3.03
CA LEU A 248 6.88 3.50 4.14
C LEU A 248 8.39 3.42 4.41
N LEU A 249 9.10 2.48 3.79
CA LEU A 249 10.60 2.47 3.76
C LEU A 249 11.08 3.82 3.19
N GLY A 250 10.36 4.39 2.24
CA GLY A 250 10.74 5.68 1.60
C GLY A 250 11.35 5.47 0.24
N ASN A 251 11.65 4.23 -0.12
CA ASN A 251 12.33 3.92 -1.39
C ASN A 251 11.85 2.54 -1.79
N SER A 252 11.85 2.30 -3.09
CA SER A 252 11.61 0.98 -3.72
C SER A 252 12.65 -0.05 -3.28
N LEU A 253 12.25 -1.31 -3.32
CA LEU A 253 13.07 -2.43 -2.82
C LEU A 253 13.63 -3.20 -4.00
N ILE A 254 14.85 -3.69 -3.85
CA ILE A 254 15.43 -4.77 -4.67
C ILE A 254 15.64 -5.97 -3.74
N GLY A 255 14.72 -6.93 -3.86
CA GLY A 255 14.65 -8.07 -2.97
C GLY A 255 13.30 -8.73 -3.07
N GLU A 256 13.09 -9.71 -2.23
CA GLU A 256 11.82 -10.43 -2.15
C GLU A 256 11.26 -10.25 -0.74
N PHE A 257 9.96 -10.01 -0.64
CA PHE A 257 9.17 -10.03 0.60
C PHE A 257 8.30 -11.29 0.58
N ARG A 258 8.32 -12.02 1.70
CA ARG A 258 7.35 -13.10 1.96
C ARG A 258 6.58 -12.78 3.24
N GLY A 259 5.25 -12.81 3.15
CA GLY A 259 4.31 -12.58 4.26
C GLY A 259 3.52 -13.84 4.55
N PHE A 260 3.51 -14.25 5.81
CA PHE A 260 2.73 -15.42 6.31
C PHE A 260 1.76 -14.87 7.33
N LYS A 261 0.53 -14.58 6.91
CA LYS A 261 -0.55 -14.04 7.78
C LYS A 261 -0.12 -12.68 8.37
N SER A 262 0.83 -11.99 7.74
CA SER A 262 1.36 -10.72 8.28
C SER A 262 0.42 -9.59 7.87
N GLY A 263 0.25 -8.61 8.74
CA GLY A 263 -0.59 -7.44 8.47
C GLY A 263 0.19 -6.18 8.71
N HIS A 264 -0.51 -5.07 8.90
CA HIS A 264 0.06 -3.71 8.99
C HIS A 264 1.07 -3.66 10.14
N ALA A 265 0.74 -4.24 11.30
CA ALA A 265 1.66 -4.17 12.47
C ALA A 265 2.98 -4.89 12.14
N LEU A 266 2.95 -6.15 11.71
CA LEU A 266 4.23 -6.88 11.54
C LEU A 266 4.99 -6.31 10.31
N ASN A 267 4.29 -5.85 9.29
CA ASN A 267 4.96 -5.22 8.12
C ASN A 267 5.76 -4.01 8.64
N ASN A 268 5.19 -3.18 9.49
CA ASN A 268 5.89 -1.99 10.02
C ASN A 268 7.06 -2.46 10.91
N GLN A 269 6.88 -3.51 11.70
CA GLN A 269 7.98 -4.08 12.54
C GLN A 269 9.13 -4.55 11.65
N LEU A 270 8.81 -5.14 10.51
CA LEU A 270 9.85 -5.61 9.56
C LEU A 270 10.64 -4.43 8.99
N LEU A 271 9.96 -3.35 8.58
CA LEU A 271 10.64 -2.11 8.13
C LEU A 271 11.60 -1.62 9.22
N ARG A 272 11.13 -1.53 10.46
CA ARG A 272 11.88 -0.94 11.59
C ARG A 272 13.10 -1.82 11.87
N THR A 273 12.93 -3.14 11.82
CA THR A 273 14.05 -4.08 12.05
C THR A 273 15.05 -3.98 10.88
N LEU A 274 14.57 -3.84 9.65
CA LEU A 274 15.46 -3.68 8.46
C LEU A 274 16.29 -2.40 8.62
N ILE A 275 15.66 -1.28 8.94
CA ILE A 275 16.30 0.06 9.06
C ILE A 275 17.38 -0.03 10.14
N ALA A 276 17.13 -0.72 11.25
CA ALA A 276 18.11 -0.89 12.33
C ALA A 276 19.28 -1.78 11.89
N ASP A 277 19.02 -2.78 11.04
CA ASP A 277 20.00 -3.81 10.63
C ASP A 277 20.74 -3.32 9.38
N LYS A 278 21.65 -2.35 9.49
CA LYS A 278 22.22 -1.66 8.28
C LYS A 278 23.13 -2.59 7.48
N ASP A 279 23.65 -3.65 8.08
CA ASP A 279 24.52 -4.60 7.31
C ASP A 279 23.63 -5.44 6.40
N ALA A 280 22.31 -5.46 6.58
CA ALA A 280 21.41 -6.27 5.73
C ALA A 280 20.97 -5.53 4.46
N TRP A 281 21.39 -4.28 4.23
CA TRP A 281 20.90 -3.54 3.03
C TRP A 281 21.88 -2.45 2.63
N GLU A 282 21.76 -2.01 1.38
CA GLU A 282 22.51 -0.84 0.86
C GLU A 282 21.59 -0.06 -0.06
N VAL A 283 21.89 1.21 -0.25
CA VAL A 283 21.23 2.03 -1.31
C VAL A 283 21.97 1.85 -2.62
N VAL A 284 21.23 1.58 -3.68
CA VAL A 284 21.78 1.40 -5.05
C VAL A 284 21.00 2.30 -5.99
N THR A 285 21.67 2.66 -7.08
CA THR A 285 21.02 3.39 -8.17
C THR A 285 21.36 2.62 -9.45
N PHE A 286 20.66 2.95 -10.53
CA PHE A 286 20.88 2.32 -11.85
C PHE A 286 21.08 3.44 -12.86
N GLU A 287 22.32 3.54 -13.33
CA GLU A 287 22.83 4.51 -14.35
C GLU A 287 22.26 4.19 -15.73
N ASP A 288 21.76 2.97 -15.96
CA ASP A 288 21.13 2.57 -17.25
C ASP A 288 19.86 1.74 -16.98
N ALA A 289 18.71 2.36 -17.16
CA ALA A 289 17.37 1.77 -16.92
C ALA A 289 17.22 0.45 -17.70
N ARG A 290 17.93 0.29 -18.82
CA ARG A 290 17.80 -0.85 -19.75
C ARG A 290 18.51 -2.09 -19.17
N THR A 291 19.50 -1.88 -18.29
CA THR A 291 20.33 -2.99 -17.73
C THR A 291 19.88 -3.33 -16.30
N ALA A 292 18.94 -2.56 -15.73
CA ALA A 292 18.49 -2.70 -14.33
C ALA A 292 17.57 -3.92 -14.17
N PRO A 293 17.59 -4.57 -13.00
CA PRO A 293 16.74 -5.74 -12.78
C PRO A 293 15.24 -5.45 -12.51
N ILE A 294 14.83 -4.19 -12.53
CA ILE A 294 13.41 -3.75 -12.35
C ILE A 294 13.13 -2.66 -13.38
N SER A 295 11.94 -2.64 -13.97
CA SER A 295 11.53 -1.57 -14.93
C SER A 295 10.19 -1.00 -14.50
N TYR A 296 10.00 0.29 -14.77
CA TYR A 296 8.72 1.03 -14.61
C TYR A 296 8.15 1.33 -15.99
N MET A 297 6.84 1.49 -16.04
CA MET A 297 6.12 1.90 -17.26
C MET A 297 6.61 3.27 -17.72
N ARG A 298 6.62 3.51 -19.02
CA ARG A 298 6.83 4.86 -19.60
C ARG A 298 5.98 5.86 -18.83
N PRO A 299 6.52 7.04 -18.51
CA PRO A 299 5.78 8.05 -17.74
C PRO A 299 4.63 8.65 -18.55
C01 FYR B . -16.43 -3.77 4.98
C02 FYR B . -16.94 -4.39 6.14
C03 FYR B . -16.09 -4.83 7.13
C04 FYR B . -14.74 -4.66 6.96
C05 FYR B . -14.23 -4.03 5.79
C06 FYR B . -15.07 -3.62 4.80
C07 FYR B . -12.89 -3.91 5.61
O08 FYR B . -13.85 -5.07 7.87
O09 FYR B . -12.42 -3.51 4.53
O10 FYR B . -12.16 -4.32 6.50
C11 FYR B . -18.31 -4.54 6.24
C12 FYR B . -19.19 -3.53 5.78
C13 FYR B . -20.57 -3.73 5.91
C14 FYR B . -21.12 -4.90 6.46
C15 FYR B . -20.23 -5.90 6.92
C16 FYR B . -18.84 -5.71 6.79
S DMS C . -5.66 16.81 15.81
O DMS C . -6.37 16.41 14.51
C1 DMS C . -5.78 18.58 15.88
C2 DMS C . -6.85 16.39 17.06
S DMS D . -4.63 -14.80 8.58
O DMS D . -4.49 -15.40 7.21
C1 DMS D . -4.65 -13.04 8.33
C2 DMS D . -6.34 -15.00 9.04
S DMS E . 2.59 24.92 6.79
O DMS E . 4.03 24.47 6.83
C1 DMS E . 2.31 25.78 8.33
C2 DMS E . 2.56 26.31 5.70
ZN ZN F . -6.23 -3.04 2.36
#